data_6L7H
#
_entry.id   6L7H
#
_cell.length_a   54.193
_cell.length_b   71.306
_cell.length_c   110.022
_cell.angle_alpha   90.000
_cell.angle_beta   90.000
_cell.angle_gamma   90.000
#
_symmetry.space_group_name_H-M   'P 21 21 21'
#
loop_
_entity.id
_entity.type
_entity.pdbx_description
1 polymer GgCGT1
2 non-polymer "URIDINE-5'-DIPHOSPHATE"
3 non-polymer 1-[3-[(2S,3R,4R,5S,6R)-6-(hydroxymethyl)-3,4,5-tris(oxidanyl)oxan-2-yl]-2,4,6-tris(oxidanyl)phenyl]-3-(4-hydroxyphenyl)propan-1-one
4 water water
#
_entity_poly.entity_id   1
_entity_poly.type   'polypeptide(L)'
_entity_poly.pdbx_seq_one_letter_code
;GSMGENNMSSIAPHPVVHVALLPSAGMGHLTPFLRLASLLLHQHCHVTLITPQPTVSKAEEDLLSRFLSAFPQVNQLHFH
LPPSDSTISTDPFFLQFASIRSSSHLLTPLLSSLTPPLSSFIYDMTLISPLLPIAESLGVPHYILFTSSATMFSFFSYFP
TLAKSESFPGKLDFVEIPGVSVSSIPRSSIPPPLLVPNSLFGKLFMEDSPKLKKLHGVLVNTFEGIEKLSLEALNGGKVV
KGLPPVYGVGPFVPCEFEKVVKRGETISEWLDEQPSGSVVYVSFGSRTAMGREQLREVGDGLVKSGWRFLWVVKDKIVDR
AEEEGLDGVLGFELVERMVKEKKGLVVKEWVDQSEILGHKAVGGFVSHCGWNSVVEAAWFGVKILGWPLHGDQKINAEVV
AKGGWGVWKEGWDWEGERLVKGEEIGEAIREVMNDESLVMKATQVKKDARKAISVGGGCEVALQKLMEVWKKNV
;
_entity_poly.pdbx_strand_id   A
#
loop_
_chem_comp.id
_chem_comp.type
_chem_comp.name
_chem_comp.formula
E7F non-polymer 1-[3-[(2S,3R,4R,5S,6R)-6-(hydroxymethyl)-3,4,5-tris(oxidanyl)oxan-2-yl]-2,4,6-tris(oxidanyl)phenyl]-3-(4-hydroxyphenyl)propan-1-one 'C21 H24 O10'
UDP RNA linking URIDINE-5'-DIPHOSPHATE 'C9 H14 N2 O12 P2'
#
# COMPACT_ATOMS: atom_id res chain seq x y z
N SER A 9 -10.72 -46.20 3.07
CA SER A 9 -9.84 -47.32 3.38
C SER A 9 -8.53 -46.84 3.99
N SER A 10 -8.54 -45.63 4.56
CA SER A 10 -7.35 -45.11 5.21
C SER A 10 -7.75 -44.00 6.19
N ILE A 11 -7.07 -43.97 7.33
CA ILE A 11 -7.18 -42.89 8.29
C ILE A 11 -5.82 -42.22 8.34
N ALA A 12 -5.69 -41.10 7.66
CA ALA A 12 -4.41 -40.43 7.46
C ALA A 12 -4.55 -38.94 7.76
N PRO A 13 -3.49 -38.31 8.26
CA PRO A 13 -3.47 -36.85 8.33
C PRO A 13 -3.42 -36.26 6.93
N HIS A 14 -4.21 -35.22 6.72
CA HIS A 14 -4.21 -34.55 5.42
C HIS A 14 -2.88 -33.85 5.20
N PRO A 15 -2.26 -33.98 4.02
CA PRO A 15 -1.02 -33.25 3.75
C PRO A 15 -1.25 -31.75 3.87
N VAL A 16 -0.21 -31.06 4.33
CA VAL A 16 -0.30 -29.65 4.68
C VAL A 16 0.20 -28.80 3.52
N VAL A 17 -0.56 -27.76 3.19
CA VAL A 17 -0.10 -26.75 2.24
C VAL A 17 0.77 -25.74 2.99
N HIS A 18 2.04 -25.67 2.61
CA HIS A 18 3.04 -24.85 3.32
C HIS A 18 3.48 -23.71 2.40
N VAL A 19 3.21 -22.47 2.82
CA VAL A 19 3.53 -21.28 2.05
C VAL A 19 4.61 -20.49 2.79
N ALA A 20 5.63 -20.04 2.05
CA ALA A 20 6.68 -19.16 2.58
C ALA A 20 6.50 -17.75 2.05
N LEU A 21 6.68 -16.75 2.92
CA LEU A 21 6.45 -15.35 2.60
C LEU A 21 7.68 -14.50 2.91
N LEU A 22 7.96 -13.53 2.05
CA LEU A 22 9.12 -12.63 2.22
C LEU A 22 8.75 -11.18 1.91
N PRO A 23 8.43 -10.38 2.92
CA PRO A 23 8.17 -8.95 2.71
C PRO A 23 9.43 -8.10 2.77
N SER A 24 9.43 -7.01 2.00
CA SER A 24 10.52 -6.04 2.08
C SER A 24 10.11 -4.85 2.95
N ALA A 25 10.81 -3.73 2.81
CA ALA A 25 10.82 -2.66 3.80
C ALA A 25 9.56 -1.80 3.80
N GLY A 26 9.18 -1.35 4.99
CA GLY A 26 8.12 -0.37 5.21
C GLY A 26 6.80 -1.00 5.60
N MET A 27 5.99 -0.25 6.35
CA MET A 27 4.67 -0.72 6.74
C MET A 27 3.77 -0.95 5.53
N GLY A 28 3.97 -0.20 4.44
CA GLY A 28 3.18 -0.41 3.24
C GLY A 28 3.48 -1.71 2.51
N HIS A 29 4.58 -2.38 2.88
CA HIS A 29 4.88 -3.72 2.39
C HIS A 29 4.62 -4.79 3.43
N LEU A 30 4.90 -4.52 4.71
CA LEU A 30 4.72 -5.53 5.74
C LEU A 30 3.24 -5.81 6.00
N THR A 31 2.43 -4.76 6.11
CA THR A 31 1.02 -4.93 6.45
C THR A 31 0.26 -5.82 5.47
N PRO A 32 0.32 -5.61 4.15
CA PRO A 32 -0.40 -6.53 3.24
C PRO A 32 0.12 -7.96 3.30
N PHE A 33 1.42 -8.17 3.51
CA PHE A 33 1.93 -9.54 3.64
C PHE A 33 1.34 -10.24 4.86
N LEU A 34 1.21 -9.51 5.98
CA LEU A 34 0.68 -10.13 7.19
C LEU A 34 -0.83 -10.33 7.11
N ARG A 35 -1.55 -9.43 6.42
CA ARG A 35 -2.96 -9.67 6.16
C ARG A 35 -3.16 -10.86 5.23
N LEU A 36 -2.28 -11.03 4.23
CA LEU A 36 -2.32 -12.23 3.41
C LEU A 36 -2.03 -13.48 4.23
N ALA A 37 -1.07 -13.39 5.17
CA ALA A 37 -0.75 -14.53 6.02
C ALA A 37 -1.97 -14.96 6.84
N SER A 38 -2.74 -13.99 7.35
CA SER A 38 -3.95 -14.33 8.09
C SER A 38 -4.97 -15.03 7.20
N LEU A 39 -5.14 -14.55 5.96
CA LEU A 39 -6.02 -15.22 5.01
C LEU A 39 -5.59 -16.65 4.76
N LEU A 40 -4.28 -16.88 4.57
CA LEU A 40 -3.79 -18.22 4.30
C LEU A 40 -3.95 -19.13 5.52
N LEU A 41 -3.72 -18.60 6.72
CA LEU A 41 -3.89 -19.42 7.92
C LEU A 41 -5.35 -19.85 8.08
N HIS A 42 -6.29 -18.99 7.71
CA HIS A 42 -7.70 -19.37 7.81
C HIS A 42 -8.10 -20.39 6.75
N GLN A 43 -7.28 -20.57 5.72
CA GLN A 43 -7.46 -21.67 4.77
C GLN A 43 -6.72 -22.94 5.20
N HIS A 44 -6.23 -22.97 6.44
CA HIS A 44 -5.51 -24.11 7.00
C HIS A 44 -4.13 -24.32 6.37
N CYS A 45 -3.51 -23.25 5.87
CA CYS A 45 -2.12 -23.34 5.46
C CYS A 45 -1.18 -23.30 6.65
N HIS A 46 -0.01 -23.92 6.50
CA HIS A 46 1.14 -23.67 7.36
C HIS A 46 1.96 -22.55 6.71
N VAL A 47 2.38 -21.57 7.51
CA VAL A 47 3.04 -20.38 6.99
C VAL A 47 4.43 -20.25 7.60
N THR A 48 5.43 -20.07 6.75
CA THR A 48 6.77 -19.63 7.15
C THR A 48 6.95 -18.17 6.73
N LEU A 49 7.38 -17.33 7.67
CA LEU A 49 7.59 -15.91 7.42
C LEU A 49 9.06 -15.57 7.58
N ILE A 50 9.69 -15.08 6.49
CA ILE A 50 11.09 -14.64 6.52
C ILE A 50 11.13 -13.18 6.92
N THR A 51 11.86 -12.86 7.99
CA THR A 51 11.86 -11.52 8.57
C THR A 51 13.23 -10.85 8.45
N PRO A 52 13.41 -9.92 7.50
CA PRO A 52 14.68 -9.17 7.43
C PRO A 52 14.85 -8.23 8.62
N GLN A 53 15.97 -8.34 9.33
CA GLN A 53 16.18 -7.63 10.58
C GLN A 53 17.53 -6.93 10.59
N PRO A 54 17.64 -5.77 11.27
CA PRO A 54 16.55 -5.07 11.97
C PRO A 54 15.69 -4.28 11.00
N THR A 55 14.47 -3.92 11.40
CA THR A 55 13.58 -3.16 10.53
C THR A 55 13.95 -1.67 10.57
N VAL A 56 13.58 -0.95 9.51
CA VAL A 56 13.88 0.48 9.45
C VAL A 56 13.14 1.24 10.54
N SER A 57 11.86 0.89 10.77
CA SER A 57 11.01 1.63 11.68
C SER A 57 10.63 0.78 12.89
N LYS A 58 10.26 1.49 13.98
CA LYS A 58 9.76 0.81 15.17
C LYS A 58 8.38 0.20 14.93
N ALA A 59 7.54 0.87 14.13
CA ALA A 59 6.20 0.35 13.86
C ALA A 59 6.24 -1.04 13.23
N GLU A 60 7.20 -1.28 12.33
CA GLU A 60 7.35 -2.59 11.72
C GLU A 60 7.71 -3.65 12.77
N GLU A 61 8.71 -3.35 13.59
CA GLU A 61 9.11 -4.20 14.69
C GLU A 61 7.93 -4.57 15.58
N ASP A 62 7.12 -3.58 15.96
CA ASP A 62 6.02 -3.82 16.89
C ASP A 62 4.90 -4.64 16.25
N LEU A 63 4.59 -4.36 14.97
CA LEU A 63 3.55 -5.13 14.30
C LEU A 63 3.94 -6.60 14.15
N LEU A 64 5.19 -6.87 13.78
CA LEU A 64 5.64 -8.25 13.69
C LEU A 64 5.48 -8.96 15.03
N SER A 65 5.81 -8.28 16.13
CA SER A 65 5.71 -8.91 17.44
C SER A 65 4.27 -9.26 17.77
N ARG A 66 3.32 -8.38 17.43
CA ARG A 66 1.92 -8.68 17.71
C ARG A 66 1.39 -9.80 16.82
N PHE A 67 1.87 -9.88 15.58
CA PHE A 67 1.46 -10.94 14.66
C PHE A 67 1.91 -12.31 15.16
N LEU A 68 3.18 -12.42 15.56
CA LEU A 68 3.71 -13.72 15.98
C LEU A 68 3.07 -14.19 17.27
N SER A 69 2.73 -13.27 18.19
CA SER A 69 2.05 -13.66 19.41
CA SER A 69 2.05 -13.65 19.41
C SER A 69 0.63 -14.14 19.12
N ALA A 70 -0.02 -13.57 18.10
CA ALA A 70 -1.37 -13.99 17.73
C ALA A 70 -1.37 -15.33 17.02
N PHE A 71 -0.29 -15.65 16.30
CA PHE A 71 -0.20 -16.88 15.51
C PHE A 71 1.11 -17.59 15.84
N PRO A 72 1.21 -18.23 17.00
CA PRO A 72 2.45 -18.94 17.35
C PRO A 72 2.74 -20.15 16.45
N GLN A 73 1.78 -20.62 15.65
CA GLN A 73 2.04 -21.71 14.73
C GLN A 73 2.84 -21.27 13.52
N VAL A 74 3.07 -19.98 13.33
CA VAL A 74 3.89 -19.49 12.22
C VAL A 74 5.36 -19.76 12.49
N ASN A 75 6.07 -20.21 11.47
CA ASN A 75 7.50 -20.51 11.55
C ASN A 75 8.28 -19.28 11.10
N GLN A 76 8.96 -18.61 12.02
CA GLN A 76 9.77 -17.45 11.69
C GLN A 76 11.19 -17.88 11.32
N LEU A 77 11.65 -17.41 10.15
CA LEU A 77 13.04 -17.55 9.72
C LEU A 77 13.71 -16.18 9.80
N HIS A 78 14.65 -16.04 10.72
CA HIS A 78 15.39 -14.79 10.87
C HIS A 78 16.32 -14.56 9.68
N PHE A 79 16.39 -13.30 9.24
CA PHE A 79 17.19 -12.88 8.08
C PHE A 79 17.99 -11.66 8.53
N HIS A 80 19.15 -11.89 9.15
CA HIS A 80 19.93 -10.79 9.73
C HIS A 80 20.76 -10.10 8.66
N LEU A 81 20.49 -8.80 8.43
CA LEU A 81 21.14 -8.09 7.35
C LEU A 81 22.51 -7.56 7.76
N PRO A 82 23.46 -7.47 6.81
CA PRO A 82 24.74 -6.87 7.12
C PRO A 82 24.61 -5.37 7.27
N PRO A 83 25.49 -4.72 8.06
CA PRO A 83 25.41 -3.28 8.30
C PRO A 83 25.79 -2.44 7.07
N THR A 90 20.58 8.96 1.38
CA THR A 90 19.53 8.27 0.65
C THR A 90 18.32 8.04 1.55
N ASP A 91 17.17 7.78 0.94
CA ASP A 91 15.98 7.44 1.70
C ASP A 91 16.22 6.17 2.51
N PRO A 92 15.96 6.17 3.83
CA PRO A 92 16.26 4.98 4.64
C PRO A 92 15.50 3.73 4.21
N PHE A 93 14.28 3.86 3.69
CA PHE A 93 13.55 2.69 3.24
C PHE A 93 14.08 2.17 1.90
N PHE A 94 14.40 3.08 0.97
CA PHE A 94 15.01 2.66 -0.28
C PHE A 94 16.36 1.97 -0.04
N LEU A 95 17.12 2.43 0.96
CA LEU A 95 18.38 1.77 1.28
C LEU A 95 18.15 0.33 1.75
N GLN A 96 17.07 0.11 2.52
CA GLN A 96 16.75 -1.23 2.98
C GLN A 96 16.28 -2.11 1.82
N PHE A 97 15.52 -1.55 0.87
CA PHE A 97 15.18 -2.28 -0.35
C PHE A 97 16.43 -2.84 -1.02
N ALA A 98 17.46 -2.00 -1.15
CA ALA A 98 18.69 -2.41 -1.82
C ALA A 98 19.46 -3.43 -1.00
N SER A 99 19.46 -3.28 0.33
CA SER A 99 20.19 -4.20 1.20
C SER A 99 19.57 -5.60 1.18
N ILE A 100 18.24 -5.68 1.25
CA ILE A 100 17.57 -6.98 1.22
C ILE A 100 17.77 -7.65 -0.13
N ARG A 101 17.70 -6.87 -1.21
CA ARG A 101 17.89 -7.42 -2.55
C ARG A 101 19.32 -7.93 -2.75
N SER A 102 20.31 -7.20 -2.23
CA SER A 102 21.71 -7.56 -2.45
C SER A 102 22.13 -8.77 -1.62
N SER A 103 21.42 -9.06 -0.53
CA SER A 103 21.76 -10.18 0.36
C SER A 103 20.83 -11.38 0.17
N SER A 104 19.80 -11.27 -0.66
CA SER A 104 18.82 -12.35 -0.76
C SER A 104 19.40 -13.63 -1.35
N HIS A 105 20.47 -13.54 -2.15
CA HIS A 105 21.10 -14.73 -2.69
C HIS A 105 21.58 -15.70 -1.60
N LEU A 106 21.67 -15.25 -0.34
CA LEU A 106 22.13 -16.10 0.75
C LEU A 106 21.04 -16.98 1.34
N LEU A 107 19.78 -16.78 0.95
CA LEU A 107 18.65 -17.44 1.60
C LEU A 107 18.50 -18.92 1.25
N THR A 108 19.16 -19.40 0.20
CA THR A 108 18.91 -20.76 -0.30
C THR A 108 18.95 -21.83 0.78
N PRO A 109 19.96 -21.90 1.66
CA PRO A 109 19.97 -22.98 2.66
C PRO A 109 18.78 -22.96 3.61
N LEU A 110 18.28 -21.78 3.97
CA LEU A 110 17.17 -21.71 4.92
C LEU A 110 15.87 -22.17 4.28
N LEU A 111 15.71 -21.97 2.97
CA LEU A 111 14.46 -22.36 2.32
C LEU A 111 14.46 -23.83 1.89
N SER A 112 15.62 -24.38 1.52
CA SER A 112 15.66 -25.75 1.02
C SER A 112 15.52 -26.79 2.12
N SER A 113 15.67 -26.41 3.39
CA SER A 113 15.55 -27.34 4.51
C SER A 113 14.24 -27.18 5.27
N LEU A 114 13.23 -26.57 4.67
CA LEU A 114 11.95 -26.37 5.34
C LEU A 114 11.17 -27.68 5.42
N THR A 115 10.58 -27.93 6.60
CA THR A 115 9.64 -29.01 6.79
C THR A 115 8.37 -28.44 7.42
N PRO A 116 7.18 -28.95 7.05
CA PRO A 116 6.88 -29.95 6.02
C PRO A 116 7.25 -29.45 4.62
N PRO A 117 7.23 -30.34 3.61
CA PRO A 117 7.63 -29.92 2.26
C PRO A 117 6.92 -28.65 1.82
N LEU A 118 7.70 -27.70 1.28
CA LEU A 118 7.16 -26.42 0.83
C LEU A 118 6.21 -26.63 -0.35
N SER A 119 5.14 -25.85 -0.37
CA SER A 119 4.13 -25.89 -1.43
C SER A 119 4.20 -24.70 -2.38
N SER A 120 4.48 -23.50 -1.87
CA SER A 120 4.54 -22.30 -2.70
C SER A 120 5.35 -21.23 -1.98
N PHE A 121 5.76 -20.22 -2.74
CA PHE A 121 6.67 -19.16 -2.27
C PHE A 121 6.21 -17.84 -2.86
N ILE A 122 5.89 -16.86 -2.00
CA ILE A 122 5.36 -15.55 -2.42
C ILE A 122 6.26 -14.46 -1.82
N TYR A 123 6.85 -13.63 -2.68
CA TYR A 123 7.85 -12.65 -2.23
C TYR A 123 7.58 -11.26 -2.77
N ASP A 124 8.31 -10.28 -2.22
CA ASP A 124 8.11 -8.87 -2.52
C ASP A 124 8.43 -8.55 -3.98
N MET A 125 7.67 -7.59 -4.55
CA MET A 125 7.86 -7.22 -5.96
C MET A 125 9.26 -6.68 -6.22
N THR A 126 9.93 -6.09 -5.22
CA THR A 126 11.26 -5.52 -5.40
C THR A 126 12.38 -6.57 -5.38
N LEU A 127 12.06 -7.86 -5.36
CA LEU A 127 13.07 -8.91 -5.19
C LEU A 127 13.07 -9.92 -6.32
N ILE A 128 12.50 -9.55 -7.48
CA ILE A 128 12.28 -10.52 -8.55
C ILE A 128 13.59 -11.14 -9.01
N SER A 129 14.59 -10.31 -9.35
CA SER A 129 15.79 -10.85 -9.99
C SER A 129 16.59 -11.79 -9.09
N PRO A 130 16.90 -11.45 -7.83
CA PRO A 130 17.70 -12.39 -7.01
C PRO A 130 16.93 -13.61 -6.54
N LEU A 131 15.61 -13.55 -6.46
CA LEU A 131 14.83 -14.68 -5.95
CA LEU A 131 14.82 -14.67 -5.96
C LEU A 131 14.34 -15.62 -7.05
N LEU A 132 14.36 -15.21 -8.31
CA LEU A 132 13.95 -16.12 -9.37
C LEU A 132 14.79 -17.39 -9.41
N PRO A 133 16.13 -17.34 -9.45
CA PRO A 133 16.87 -18.62 -9.45
C PRO A 133 16.72 -19.41 -8.17
N ILE A 134 16.48 -18.76 -7.03
CA ILE A 134 16.27 -19.48 -5.79
C ILE A 134 14.95 -20.26 -5.83
N ALA A 135 13.89 -19.61 -6.32
CA ALA A 135 12.60 -20.30 -6.45
C ALA A 135 12.65 -21.42 -7.47
N GLU A 136 13.40 -21.25 -8.56
CA GLU A 136 13.52 -22.32 -9.55
C GLU A 136 14.18 -23.55 -8.93
N SER A 137 15.21 -23.35 -8.10
CA SER A 137 15.87 -24.49 -7.46
CA SER A 137 15.87 -24.49 -7.46
C SER A 137 14.96 -25.19 -6.46
N LEU A 138 14.03 -24.46 -5.84
CA LEU A 138 13.11 -25.08 -4.89
C LEU A 138 12.06 -25.95 -5.58
N GLY A 139 11.79 -25.69 -6.85
CA GLY A 139 10.83 -26.51 -7.59
C GLY A 139 9.39 -26.39 -7.14
N VAL A 140 8.99 -25.22 -6.64
CA VAL A 140 7.60 -24.98 -6.24
C VAL A 140 7.08 -23.81 -7.06
N PRO A 141 5.76 -23.68 -7.21
CA PRO A 141 5.21 -22.45 -7.83
C PRO A 141 5.55 -21.23 -6.98
N HIS A 142 5.91 -20.14 -7.65
CA HIS A 142 6.32 -18.93 -6.95
C HIS A 142 5.68 -17.70 -7.59
N TYR A 143 5.52 -16.65 -6.77
CA TYR A 143 4.68 -15.51 -7.08
C TYR A 143 5.29 -14.27 -6.46
N ILE A 144 4.92 -13.10 -6.98
CA ILE A 144 5.10 -11.86 -6.24
C ILE A 144 3.75 -11.45 -5.64
N LEU A 145 3.79 -10.88 -4.45
CA LEU A 145 2.70 -10.05 -3.95
C LEU A 145 3.03 -8.61 -4.32
N PHE A 146 2.28 -8.06 -5.28
CA PHE A 146 2.45 -6.67 -5.70
C PHE A 146 1.65 -5.79 -4.75
N THR A 147 2.32 -4.81 -4.11
CA THR A 147 1.69 -4.08 -3.01
C THR A 147 1.09 -2.75 -3.43
N SER A 148 1.13 -2.38 -4.71
CA SER A 148 0.47 -1.19 -5.22
CA SER A 148 0.47 -1.20 -5.23
C SER A 148 -0.72 -1.59 -6.10
N SER A 149 -1.27 -0.62 -6.83
CA SER A 149 -2.49 -0.83 -7.61
C SER A 149 -2.24 -1.69 -8.85
N ALA A 150 -3.33 -2.31 -9.34
CA ALA A 150 -3.21 -3.09 -10.57
C ALA A 150 -2.90 -2.19 -11.76
N THR A 151 -3.35 -0.94 -11.71
CA THR A 151 -2.98 0.02 -12.74
C THR A 151 -1.48 0.28 -12.75
N MET A 152 -0.88 0.43 -11.57
CA MET A 152 0.58 0.58 -11.52
C MET A 152 1.30 -0.70 -11.92
N PHE A 153 0.71 -1.88 -11.66
CA PHE A 153 1.35 -3.11 -12.14
C PHE A 153 1.36 -3.17 -13.66
N SER A 154 0.30 -2.67 -14.32
CA SER A 154 0.29 -2.61 -15.77
CA SER A 154 0.30 -2.63 -15.77
C SER A 154 1.42 -1.74 -16.29
N PHE A 155 1.65 -0.59 -15.64
CA PHE A 155 2.76 0.29 -16.02
C PHE A 155 4.10 -0.43 -15.88
N PHE A 156 4.32 -1.08 -14.72
CA PHE A 156 5.53 -1.88 -14.50
C PHE A 156 5.73 -2.91 -15.61
N SER A 157 4.67 -3.62 -15.99
CA SER A 157 4.80 -4.63 -17.03
C SER A 157 5.08 -4.02 -18.40
N TYR A 158 4.61 -2.79 -18.62
CA TYR A 158 4.72 -2.10 -19.90
C TYR A 158 6.06 -1.39 -20.06
N PHE A 159 6.86 -1.31 -18.99
CA PHE A 159 8.07 -0.50 -19.02
C PHE A 159 9.07 -0.91 -20.11
N PRO A 160 9.33 -2.19 -20.38
CA PRO A 160 10.22 -2.52 -21.51
C PRO A 160 9.71 -2.03 -22.85
N THR A 161 8.39 -1.95 -23.05
CA THR A 161 7.86 -1.39 -24.28
C THR A 161 8.18 0.09 -24.41
N LEU A 162 8.19 0.83 -23.31
CA LEU A 162 8.49 2.26 -23.36
C LEU A 162 10.00 2.53 -23.39
N ALA A 163 10.78 1.71 -22.71
CA ALA A 163 12.21 1.97 -22.58
C ALA A 163 13.00 1.59 -23.82
N LYS A 164 12.42 0.82 -24.75
CA LYS A 164 13.12 0.49 -25.97
C LYS A 164 13.34 1.71 -26.86
N SER A 165 12.52 2.75 -26.72
CA SER A 165 12.66 3.93 -27.55
C SER A 165 13.98 4.63 -27.30
N GLU A 166 14.57 5.16 -28.37
CA GLU A 166 15.86 5.84 -28.26
C GLU A 166 15.76 7.22 -27.64
N SER A 167 14.54 7.79 -27.58
CA SER A 167 14.33 9.07 -26.94
C SER A 167 13.90 8.95 -25.48
N PHE A 168 13.73 7.73 -24.97
CA PHE A 168 13.39 7.55 -23.57
C PHE A 168 14.57 7.96 -22.70
N PRO A 169 14.33 8.65 -21.59
CA PRO A 169 13.01 9.09 -21.11
C PRO A 169 12.71 10.55 -21.43
N GLY A 170 13.46 11.13 -22.36
CA GLY A 170 13.35 12.56 -22.60
C GLY A 170 12.06 12.97 -23.30
N LYS A 171 11.64 12.19 -24.29
CA LYS A 171 10.43 12.49 -25.06
C LYS A 171 9.38 11.43 -24.70
N LEU A 172 8.63 11.70 -23.63
CA LEU A 172 7.54 10.82 -23.21
C LEU A 172 6.52 11.70 -22.51
N ASP A 173 5.43 12.01 -23.20
CA ASP A 173 4.42 12.92 -22.69
C ASP A 173 3.16 12.22 -22.19
N PHE A 174 2.84 11.04 -22.72
CA PHE A 174 1.67 10.29 -22.29
C PHE A 174 1.99 8.80 -22.28
N VAL A 175 1.53 8.10 -21.23
CA VAL A 175 1.59 6.65 -21.15
C VAL A 175 0.17 6.13 -21.27
N GLU A 176 -0.14 5.45 -22.37
CA GLU A 176 -1.51 5.01 -22.65
C GLU A 176 -1.50 3.49 -22.88
N ILE A 177 -1.74 2.75 -21.81
CA ILE A 177 -1.70 1.29 -21.82
C ILE A 177 -3.08 0.79 -22.22
N PRO A 178 -3.20 -0.12 -23.19
CA PRO A 178 -4.52 -0.48 -23.70
C PRO A 178 -5.43 -1.08 -22.64
N GLY A 179 -6.60 -0.46 -22.46
CA GLY A 179 -7.69 -1.05 -21.70
C GLY A 179 -7.67 -0.90 -20.20
N VAL A 180 -6.71 -0.16 -19.62
CA VAL A 180 -6.56 -0.10 -18.18
C VAL A 180 -7.45 1.00 -17.56
N SER A 181 -7.49 1.07 -16.23
CA SER A 181 -8.45 1.93 -15.53
C SER A 181 -8.13 3.42 -15.67
N VAL A 182 -6.87 3.79 -15.86
CA VAL A 182 -6.48 5.17 -16.15
C VAL A 182 -5.93 5.17 -17.58
N SER A 183 -6.76 5.58 -18.55
CA SER A 183 -6.44 5.37 -19.96
C SER A 183 -5.30 6.26 -20.44
N SER A 184 -5.06 7.39 -19.80
CA SER A 184 -3.97 8.28 -20.21
C SER A 184 -3.29 8.83 -18.96
N ILE A 185 -2.03 8.48 -18.78
CA ILE A 185 -1.20 8.94 -17.67
C ILE A 185 -0.23 10.00 -18.22
N PRO A 186 -0.38 11.27 -17.84
CA PRO A 186 0.52 12.31 -18.35
C PRO A 186 1.88 12.26 -17.68
N ARG A 187 2.86 12.91 -18.33
CA ARG A 187 4.23 12.91 -17.82
C ARG A 187 4.29 13.41 -16.38
N SER A 188 3.46 14.40 -16.04
CA SER A 188 3.44 14.96 -14.69
C SER A 188 2.96 13.98 -13.64
N SER A 189 2.34 12.86 -14.03
CA SER A 189 1.92 11.83 -13.09
C SER A 189 2.85 10.61 -13.07
N ILE A 190 3.86 10.57 -13.93
CA ILE A 190 4.79 9.44 -13.92
C ILE A 190 5.64 9.50 -12.66
N PRO A 191 5.82 8.40 -11.93
CA PRO A 191 6.71 8.41 -10.76
C PRO A 191 8.08 8.93 -11.14
N PRO A 192 8.57 9.97 -10.47
CA PRO A 192 9.78 10.68 -10.93
C PRO A 192 10.98 9.77 -11.12
N PRO A 193 11.23 8.77 -10.25
CA PRO A 193 12.39 7.90 -10.50
C PRO A 193 12.33 7.11 -11.81
N LEU A 194 11.15 6.87 -12.37
CA LEU A 194 11.07 6.09 -13.59
C LEU A 194 11.56 6.87 -14.81
N LEU A 195 11.69 8.19 -14.69
CA LEU A 195 12.26 9.03 -15.73
C LEU A 195 13.74 9.27 -15.54
N VAL A 196 14.35 8.62 -14.54
CA VAL A 196 15.77 8.74 -14.23
C VAL A 196 16.40 7.36 -14.33
N PRO A 197 17.18 7.09 -15.38
CA PRO A 197 17.67 5.72 -15.60
C PRO A 197 18.52 5.17 -14.46
N ASN A 198 19.24 6.02 -13.73
CA ASN A 198 20.16 5.56 -12.70
C ASN A 198 19.51 5.46 -11.31
N SER A 199 18.21 5.70 -11.20
CA SER A 199 17.56 5.59 -9.90
C SER A 199 17.42 4.12 -9.49
N LEU A 200 17.09 3.91 -8.21
CA LEU A 200 16.88 2.55 -7.73
C LEU A 200 15.72 1.88 -8.43
N PHE A 201 14.54 2.53 -8.42
CA PHE A 201 13.38 1.91 -9.04
C PHE A 201 13.49 1.88 -10.57
N GLY A 202 14.18 2.86 -11.16
CA GLY A 202 14.42 2.79 -12.60
C GLY A 202 15.28 1.61 -12.99
N LYS A 203 16.29 1.31 -12.16
CA LYS A 203 17.12 0.13 -12.39
C LYS A 203 16.34 -1.16 -12.14
N LEU A 204 15.54 -1.21 -11.08
CA LEU A 204 14.77 -2.42 -10.79
C LEU A 204 13.74 -2.69 -11.87
N PHE A 205 13.07 -1.64 -12.37
CA PHE A 205 12.10 -1.82 -13.45
C PHE A 205 12.74 -2.45 -14.69
N MET A 206 13.91 -1.96 -15.09
CA MET A 206 14.56 -2.48 -16.28
C MET A 206 15.10 -3.89 -16.09
N GLU A 207 15.56 -4.24 -14.89
CA GLU A 207 16.10 -5.57 -14.66
C GLU A 207 14.99 -6.59 -14.41
N ASP A 208 13.93 -6.19 -13.72
CA ASP A 208 12.93 -7.15 -13.24
C ASP A 208 11.74 -7.33 -14.18
N SER A 209 11.26 -6.26 -14.80
CA SER A 209 10.06 -6.40 -15.64
C SER A 209 10.21 -7.44 -16.75
N PRO A 210 11.36 -7.56 -17.44
CA PRO A 210 11.49 -8.62 -18.47
C PRO A 210 11.42 -10.03 -17.90
N LYS A 211 11.52 -10.21 -16.60
CA LYS A 211 11.48 -11.52 -15.97
C LYS A 211 10.10 -11.89 -15.42
N LEU A 212 9.11 -11.01 -15.58
CA LEU A 212 7.78 -11.32 -15.07
C LEU A 212 7.22 -12.59 -15.70
N LYS A 213 7.56 -12.85 -16.96
CA LYS A 213 7.03 -14.03 -17.65
C LYS A 213 7.49 -15.34 -17.04
N LYS A 214 8.49 -15.34 -16.15
CA LYS A 214 8.92 -16.56 -15.48
C LYS A 214 8.14 -16.85 -14.20
N LEU A 215 7.31 -15.92 -13.73
CA LEU A 215 6.51 -16.13 -12.52
C LEU A 215 5.31 -17.02 -12.81
N HIS A 216 4.81 -17.69 -11.76
CA HIS A 216 3.58 -18.46 -11.88
C HIS A 216 2.33 -17.59 -11.77
N GLY A 217 2.45 -16.41 -11.18
CA GLY A 217 1.31 -15.52 -11.02
C GLY A 217 1.72 -14.28 -10.24
N VAL A 218 0.78 -13.32 -10.20
CA VAL A 218 0.97 -12.03 -9.55
C VAL A 218 -0.28 -11.76 -8.70
N LEU A 219 -0.09 -11.59 -7.39
CA LEU A 219 -1.20 -11.28 -6.48
C LEU A 219 -1.23 -9.77 -6.25
N VAL A 220 -2.44 -9.18 -6.27
CA VAL A 220 -2.63 -7.75 -6.09
C VAL A 220 -3.77 -7.51 -5.10
N ASN A 221 -3.56 -6.57 -4.16
CA ASN A 221 -4.59 -6.19 -3.19
C ASN A 221 -5.54 -5.19 -3.85
N THR A 222 -6.42 -5.70 -4.70
CA THR A 222 -7.41 -4.87 -5.37
C THR A 222 -8.62 -5.72 -5.72
N PHE A 223 -9.66 -5.07 -6.26
CA PHE A 223 -10.90 -5.77 -6.59
C PHE A 223 -11.63 -5.04 -7.71
N GLU A 224 -12.61 -5.76 -8.29
CA GLU A 224 -13.28 -5.27 -9.49
C GLU A 224 -14.01 -3.96 -9.24
N GLY A 225 -14.44 -3.71 -8.02
CA GLY A 225 -15.16 -2.49 -7.69
C GLY A 225 -14.36 -1.22 -7.83
N ILE A 226 -13.03 -1.30 -7.86
CA ILE A 226 -12.20 -0.11 -8.02
C ILE A 226 -11.26 -0.16 -9.23
N GLU A 227 -10.93 -1.34 -9.77
CA GLU A 227 -10.02 -1.44 -10.91
C GLU A 227 -10.48 -2.52 -11.89
N LYS A 228 -11.77 -2.50 -12.22
CA LYS A 228 -12.34 -3.47 -13.16
C LYS A 228 -11.56 -3.51 -14.47
N LEU A 229 -11.28 -2.36 -15.05
CA LEU A 229 -10.67 -2.32 -16.39
C LEU A 229 -9.22 -2.82 -16.36
N SER A 230 -8.43 -2.36 -15.38
CA SER A 230 -7.05 -2.85 -15.31
C SER A 230 -6.98 -4.36 -15.13
N LEU A 231 -7.87 -4.92 -14.29
CA LEU A 231 -7.84 -6.36 -14.07
C LEU A 231 -8.18 -7.13 -15.35
N GLU A 232 -9.18 -6.66 -16.11
CA GLU A 232 -9.57 -7.36 -17.33
C GLU A 232 -8.52 -7.21 -18.42
N ALA A 233 -7.86 -6.06 -18.49
CA ALA A 233 -6.83 -5.86 -19.51
C ALA A 233 -5.60 -6.71 -19.23
N LEU A 234 -5.22 -6.85 -17.96
CA LEU A 234 -4.06 -7.64 -17.59
C LEU A 234 -4.26 -9.12 -17.90
N ASN A 235 -5.47 -9.63 -17.69
CA ASN A 235 -5.74 -11.04 -17.90
C ASN A 235 -6.29 -11.35 -19.28
N GLY A 236 -6.43 -10.34 -20.14
CA GLY A 236 -6.85 -10.55 -21.52
C GLY A 236 -5.76 -10.43 -22.55
N GLY A 237 -4.49 -10.44 -22.16
CA GLY A 237 -3.40 -10.27 -23.10
C GLY A 237 -3.29 -8.89 -23.70
N LYS A 238 -3.95 -7.89 -23.13
CA LYS A 238 -3.98 -6.56 -23.73
C LYS A 238 -2.72 -5.75 -23.41
N VAL A 239 -2.18 -5.92 -22.21
CA VAL A 239 -1.05 -5.12 -21.73
C VAL A 239 0.24 -5.63 -22.36
N VAL A 240 0.60 -6.86 -22.05
CA VAL A 240 1.78 -7.53 -22.59
C VAL A 240 1.42 -8.99 -22.81
N LYS A 241 1.75 -9.51 -23.99
CA LYS A 241 1.48 -10.92 -24.27
C LYS A 241 2.40 -11.81 -23.45
N GLY A 242 1.83 -12.88 -22.89
CA GLY A 242 2.60 -13.80 -22.09
C GLY A 242 2.82 -13.39 -20.65
N LEU A 243 2.16 -12.33 -20.19
CA LEU A 243 2.17 -12.01 -18.77
C LEU A 243 1.60 -13.17 -17.98
N PRO A 244 2.10 -13.43 -16.78
CA PRO A 244 1.47 -14.44 -15.91
C PRO A 244 0.11 -13.96 -15.45
N PRO A 245 -0.75 -14.88 -15.00
CA PRO A 245 -2.08 -14.46 -14.53
C PRO A 245 -1.98 -13.54 -13.31
N VAL A 246 -2.90 -12.58 -13.25
CA VAL A 246 -2.99 -11.62 -12.15
C VAL A 246 -4.23 -11.95 -11.32
N TYR A 247 -4.03 -12.16 -10.03
CA TYR A 247 -5.09 -12.56 -9.11
C TYR A 247 -5.46 -11.38 -8.22
N GLY A 248 -6.69 -10.89 -8.36
CA GLY A 248 -7.17 -9.83 -7.49
C GLY A 248 -7.65 -10.39 -6.17
N VAL A 249 -6.80 -10.38 -5.14
CA VAL A 249 -7.12 -11.02 -3.86
C VAL A 249 -7.50 -10.00 -2.78
N GLY A 250 -7.76 -8.76 -3.16
CA GLY A 250 -8.22 -7.76 -2.22
C GLY A 250 -9.73 -7.64 -2.22
N PRO A 251 -10.29 -6.77 -1.36
CA PRO A 251 -9.53 -5.99 -0.37
C PRO A 251 -9.02 -6.83 0.80
N PHE A 252 -7.80 -6.55 1.24
CA PHE A 252 -7.28 -7.16 2.47
C PHE A 252 -7.97 -6.52 3.67
N VAL A 253 -8.74 -7.30 4.42
CA VAL A 253 -9.49 -6.78 5.55
C VAL A 253 -8.55 -6.57 6.74
N PRO A 254 -8.63 -5.43 7.43
CA PRO A 254 -7.76 -5.22 8.61
C PRO A 254 -8.01 -6.26 9.69
N CYS A 255 -6.93 -6.66 10.37
CA CYS A 255 -6.96 -7.79 11.31
C CYS A 255 -6.78 -7.33 12.75
N GLU A 256 -7.13 -8.24 13.66
CA GLU A 256 -7.13 -7.92 15.09
C GLU A 256 -5.73 -7.66 15.63
N PHE A 257 -4.73 -8.41 15.15
CA PHE A 257 -3.39 -8.28 15.70
C PHE A 257 -2.78 -6.91 15.47
N GLU A 258 -3.37 -6.09 14.60
CA GLU A 258 -2.80 -4.78 14.29
C GLU A 258 -3.01 -3.77 15.40
N LYS A 259 -4.00 -3.98 16.26
CA LYS A 259 -4.35 -3.00 17.28
C LYS A 259 -3.28 -2.94 18.37
N VAL A 260 -3.06 -1.74 18.89
CA VAL A 260 -2.13 -1.54 19.99
C VAL A 260 -2.91 -1.43 21.30
N GLU A 265 -6.54 5.20 25.29
CA GLU A 265 -7.74 5.07 24.47
C GLU A 265 -8.38 6.43 24.25
N THR A 266 -7.58 7.49 24.27
CA THR A 266 -8.14 8.83 24.23
C THR A 266 -8.61 9.21 22.84
N ILE A 267 -8.01 8.64 21.78
CA ILE A 267 -8.48 8.94 20.44
C ILE A 267 -9.88 8.38 20.22
N SER A 268 -10.09 7.10 20.55
CA SER A 268 -11.43 6.54 20.38
C SER A 268 -12.44 7.21 21.29
N GLU A 269 -12.02 7.61 22.49
CA GLU A 269 -12.92 8.32 23.40
C GLU A 269 -13.29 9.69 22.85
N TRP A 270 -12.33 10.39 22.23
CA TRP A 270 -12.65 11.67 21.59
C TRP A 270 -13.61 11.47 20.42
N LEU A 271 -13.35 10.46 19.58
CA LEU A 271 -14.24 10.20 18.45
C LEU A 271 -15.65 9.87 18.90
N ASP A 272 -15.80 9.16 20.02
CA ASP A 272 -17.12 8.81 20.53
C ASP A 272 -17.96 10.04 20.86
N GLU A 273 -17.34 11.19 21.14
CA GLU A 273 -18.08 12.40 21.49
C GLU A 273 -18.36 13.30 20.29
N GLN A 274 -18.00 12.88 19.07
CA GLN A 274 -18.24 13.75 17.93
C GLN A 274 -19.47 13.27 17.15
N PRO A 275 -20.19 14.19 16.50
CA PRO A 275 -21.36 13.77 15.72
C PRO A 275 -20.95 12.89 14.55
N SER A 276 -21.88 12.04 14.12
CA SER A 276 -21.60 11.10 13.04
C SER A 276 -21.23 11.83 11.76
N GLY A 277 -20.18 11.36 11.10
CA GLY A 277 -19.76 11.92 9.83
C GLY A 277 -19.16 13.31 9.90
N SER A 278 -18.79 13.79 11.08
CA SER A 278 -18.38 15.18 11.26
C SER A 278 -16.86 15.39 11.26
N VAL A 279 -16.07 14.33 11.26
CA VAL A 279 -14.62 14.44 11.46
C VAL A 279 -13.89 14.14 10.15
N VAL A 280 -12.91 14.99 9.83
CA VAL A 280 -11.98 14.78 8.70
C VAL A 280 -10.68 14.19 9.25
N TYR A 281 -10.37 12.97 8.83
CA TYR A 281 -9.11 12.30 9.19
C TYR A 281 -8.02 12.69 8.18
N VAL A 282 -6.82 13.02 8.69
CA VAL A 282 -5.72 13.51 7.85
C VAL A 282 -4.46 12.69 8.16
N SER A 283 -3.94 11.98 7.16
CA SER A 283 -2.69 11.26 7.34
C SER A 283 -1.99 11.08 5.99
N PHE A 284 -0.67 11.26 5.99
CA PHE A 284 0.13 11.10 4.78
C PHE A 284 1.00 9.84 4.83
N GLY A 285 0.57 8.84 5.60
CA GLY A 285 1.18 7.51 5.59
C GLY A 285 2.26 7.33 6.62
N SER A 286 3.02 6.24 6.45
CA SER A 286 3.97 5.79 7.46
C SER A 286 5.40 6.24 7.21
N ARG A 287 5.69 6.88 6.07
CA ARG A 287 7.09 7.12 5.72
C ARG A 287 7.29 8.44 4.97
N THR A 288 6.38 9.41 5.13
CA THR A 288 6.49 10.71 4.48
C THR A 288 6.28 11.80 5.52
N ALA A 289 7.13 12.82 5.48
CA ALA A 289 7.00 14.00 6.34
C ALA A 289 7.12 15.25 5.49
N MET A 290 6.12 16.14 5.58
CA MET A 290 6.18 17.41 4.86
C MET A 290 7.22 18.34 5.48
N GLY A 291 7.77 19.22 4.66
CA GLY A 291 8.58 20.31 5.17
C GLY A 291 7.79 21.19 6.12
N ARG A 292 8.53 21.87 7.00
CA ARG A 292 7.91 22.55 8.14
C ARG A 292 6.95 23.65 7.70
N GLU A 293 7.30 24.39 6.65
CA GLU A 293 6.43 25.46 6.18
C GLU A 293 5.16 24.90 5.55
N GLN A 294 5.28 23.85 4.73
CA GLN A 294 4.09 23.21 4.16
C GLN A 294 3.22 22.58 5.24
N LEU A 295 3.86 21.94 6.22
CA LEU A 295 3.12 21.34 7.34
C LEU A 295 2.27 22.37 8.06
N ARG A 296 2.81 23.58 8.27
CA ARG A 296 2.05 24.61 8.97
C ARG A 296 0.91 25.15 8.13
N GLU A 297 1.02 25.09 6.80
CA GLU A 297 -0.11 25.48 5.96
C GLU A 297 -1.25 24.46 6.05
N VAL A 298 -0.93 23.17 6.24
CA VAL A 298 -2.00 22.18 6.44
C VAL A 298 -2.86 22.56 7.65
N GLY A 299 -2.21 22.86 8.77
CA GLY A 299 -2.95 23.24 9.96
C GLY A 299 -3.77 24.49 9.77
N ASP A 300 -3.24 25.48 9.03
CA ASP A 300 -4.00 26.69 8.72
C ASP A 300 -5.24 26.35 7.90
N GLY A 301 -5.10 25.42 6.95
CA GLY A 301 -6.25 24.99 6.16
C GLY A 301 -7.30 24.26 6.96
N LEU A 302 -6.87 23.44 7.92
CA LEU A 302 -7.82 22.71 8.77
C LEU A 302 -8.63 23.67 9.63
N VAL A 303 -7.99 24.67 10.21
CA VAL A 303 -8.69 25.67 11.01
C VAL A 303 -9.68 26.45 10.13
N LYS A 304 -9.23 26.89 8.95
CA LYS A 304 -10.08 27.67 8.07
C LYS A 304 -11.24 26.86 7.51
N SER A 305 -11.11 25.53 7.43
CA SER A 305 -12.20 24.71 6.91
C SER A 305 -13.43 24.76 7.80
N GLY A 306 -13.23 24.91 9.11
CA GLY A 306 -14.32 24.88 10.06
C GLY A 306 -14.81 23.50 10.44
N TRP A 307 -14.21 22.44 9.90
CA TRP A 307 -14.60 21.07 10.20
C TRP A 307 -13.78 20.51 11.37
N ARG A 308 -14.39 19.60 12.12
CA ARG A 308 -13.65 18.81 13.09
C ARG A 308 -12.60 17.97 12.36
N PHE A 309 -11.46 17.75 13.01
CA PHE A 309 -10.39 17.02 12.34
C PHE A 309 -9.58 16.20 13.34
N LEU A 310 -9.00 15.11 12.83
CA LEU A 310 -7.99 14.32 13.53
C LEU A 310 -6.79 14.24 12.60
N TRP A 311 -5.70 14.92 12.98
CA TRP A 311 -4.54 15.12 12.13
C TRP A 311 -3.35 14.33 12.68
N VAL A 312 -2.84 13.39 11.89
CA VAL A 312 -1.64 12.62 12.24
C VAL A 312 -0.44 13.31 11.61
N VAL A 313 0.54 13.70 12.42
CA VAL A 313 1.70 14.46 11.97
C VAL A 313 2.95 13.57 12.03
N LYS A 314 3.82 13.72 11.03
CA LYS A 314 5.19 13.21 11.07
C LYS A 314 6.15 14.36 10.78
N ASP A 315 7.23 14.46 11.58
CA ASP A 315 8.29 15.43 11.32
C ASP A 315 9.52 14.79 10.70
N LYS A 316 9.61 13.46 10.74
CA LYS A 316 10.70 12.70 10.13
C LYS A 316 10.13 11.55 9.32
N ILE A 317 10.86 11.15 8.28
CA ILE A 317 10.48 9.98 7.49
C ILE A 317 10.42 8.74 8.38
N VAL A 318 11.43 8.55 9.21
CA VAL A 318 11.56 7.36 10.06
C VAL A 318 11.13 7.69 11.47
N ASP A 319 10.19 6.90 12.02
CA ASP A 319 9.66 7.19 13.35
C ASP A 319 10.76 7.21 14.41
N ARG A 320 11.77 6.33 14.28
CA ARG A 320 12.86 6.29 15.26
C ARG A 320 13.61 7.61 15.36
N ALA A 321 13.53 8.47 14.35
CA ALA A 321 14.33 9.69 14.30
C ALA A 321 13.62 10.91 14.85
N GLU A 322 12.37 10.77 15.30
CA GLU A 322 11.64 11.93 15.82
C GLU A 322 12.38 12.51 17.02
N GLU A 323 12.52 13.83 17.04
CA GLU A 323 13.35 14.47 18.05
C GLU A 323 12.80 15.80 18.58
N GLU A 324 11.73 16.34 18.01
CA GLU A 324 11.20 17.62 18.46
C GLU A 324 9.71 17.48 18.79
N GLY A 325 9.28 18.20 19.82
CA GLY A 325 7.90 18.09 20.26
C GLY A 325 6.93 18.75 19.29
N LEU A 326 5.67 18.32 19.38
CA LEU A 326 4.65 18.77 18.45
C LEU A 326 4.45 20.27 18.52
N ASP A 327 4.52 20.86 19.72
CA ASP A 327 4.30 22.30 19.83
C ASP A 327 5.42 23.09 19.15
N GLY A 328 6.65 22.58 19.18
CA GLY A 328 7.72 23.23 18.44
C GLY A 328 7.62 23.02 16.93
N VAL A 329 7.08 21.87 16.51
CA VAL A 329 6.87 21.63 15.08
C VAL A 329 5.78 22.54 14.54
N LEU A 330 4.71 22.76 15.31
CA LEU A 330 3.54 23.49 14.81
C LEU A 330 3.70 25.00 14.99
N GLY A 331 4.35 25.43 16.07
CA GLY A 331 4.49 26.85 16.32
C GLY A 331 3.40 27.39 17.23
N PHE A 332 3.73 28.47 17.95
CA PHE A 332 2.81 28.99 18.96
C PHE A 332 1.49 29.45 18.35
N GLU A 333 1.54 30.17 17.23
CA GLU A 333 0.34 30.76 16.67
C GLU A 333 -0.66 29.69 16.24
N LEU A 334 -0.18 28.64 15.57
CA LEU A 334 -1.08 27.58 15.12
C LEU A 334 -1.62 26.77 16.30
N VAL A 335 -0.76 26.46 17.29
CA VAL A 335 -1.22 25.71 18.46
C VAL A 335 -2.31 26.49 19.19
N GLU A 336 -2.11 27.79 19.36
CA GLU A 336 -3.09 28.62 20.07
C GLU A 336 -4.44 28.62 19.34
N ARG A 337 -4.43 28.74 18.02
CA ARG A 337 -5.68 28.73 17.25
C ARG A 337 -6.43 27.41 17.42
N MET A 338 -5.72 26.28 17.40
CA MET A 338 -6.39 25.00 17.44
C MET A 338 -6.95 24.70 18.82
N VAL A 339 -6.24 25.08 19.89
CA VAL A 339 -6.75 24.82 21.22
C VAL A 339 -7.94 25.72 21.53
N LYS A 340 -8.00 26.92 20.93
CA LYS A 340 -9.10 27.84 21.21
C LYS A 340 -10.39 27.37 20.54
N GLU A 341 -10.32 26.87 19.30
CA GLU A 341 -11.53 26.49 18.60
C GLU A 341 -12.10 25.18 19.10
N LYS A 342 -11.27 24.31 19.69
CA LYS A 342 -11.72 23.08 20.32
C LYS A 342 -12.45 22.16 19.34
N LYS A 343 -11.96 22.09 18.10
CA LYS A 343 -12.56 21.24 17.08
C LYS A 343 -11.66 20.10 16.62
N GLY A 344 -10.36 20.15 16.90
CA GLY A 344 -9.43 19.21 16.31
C GLY A 344 -8.55 18.53 17.35
N LEU A 345 -8.01 17.40 16.94
CA LEU A 345 -7.05 16.62 17.70
C LEU A 345 -5.84 16.36 16.82
N VAL A 346 -4.64 16.61 17.35
CA VAL A 346 -3.41 16.47 16.59
C VAL A 346 -2.47 15.55 17.37
N VAL A 347 -1.95 14.52 16.70
CA VAL A 347 -1.05 13.57 17.34
C VAL A 347 0.18 13.34 16.46
N LYS A 348 1.33 13.15 17.11
CA LYS A 348 2.57 12.78 16.42
C LYS A 348 3.02 11.42 16.97
N GLU A 349 2.28 10.37 16.59
CA GLU A 349 2.53 9.01 17.04
C GLU A 349 1.85 8.05 16.08
N TRP A 350 2.17 6.77 16.22
CA TRP A 350 1.51 5.74 15.44
C TRP A 350 0.07 5.54 15.91
N VAL A 351 -0.89 5.67 14.99
CA VAL A 351 -2.29 5.48 15.32
C VAL A 351 -2.81 4.20 14.66
N ASP A 352 -3.97 3.76 15.13
CA ASP A 352 -4.69 2.62 14.55
C ASP A 352 -5.57 3.14 13.42
N GLN A 353 -4.99 3.30 12.22
CA GLN A 353 -5.70 3.98 11.15
C GLN A 353 -7.02 3.30 10.80
N SER A 354 -7.04 1.96 10.80
CA SER A 354 -8.26 1.27 10.39
C SER A 354 -9.36 1.41 11.43
N GLU A 355 -9.00 1.42 12.72
CA GLU A 355 -9.99 1.70 13.76
C GLU A 355 -10.57 3.10 13.61
N ILE A 356 -9.77 4.05 13.13
CA ILE A 356 -10.24 5.42 12.93
C ILE A 356 -11.15 5.48 11.70
N LEU A 357 -10.70 4.92 10.57
CA LEU A 357 -11.52 4.98 9.36
C LEU A 357 -12.85 4.26 9.54
N GLY A 358 -12.86 3.21 10.38
CA GLY A 358 -14.10 2.49 10.66
C GLY A 358 -15.03 3.14 11.67
N HIS A 359 -14.60 4.24 12.31
CA HIS A 359 -15.44 4.88 13.31
C HIS A 359 -16.51 5.75 12.63
N LYS A 360 -17.71 5.71 13.21
CA LYS A 360 -18.86 6.40 12.61
C LYS A 360 -18.67 7.92 12.56
N ALA A 361 -17.82 8.47 13.42
CA ALA A 361 -17.60 9.92 13.41
C ALA A 361 -16.84 10.39 12.17
N VAL A 362 -16.08 9.51 11.52
CA VAL A 362 -15.19 9.94 10.44
C VAL A 362 -15.96 9.98 9.13
N GLY A 363 -16.06 11.18 8.55
CA GLY A 363 -16.79 11.38 7.32
C GLY A 363 -15.95 11.60 6.06
N GLY A 364 -14.64 11.82 6.23
CA GLY A 364 -13.77 12.06 5.09
C GLY A 364 -12.32 11.86 5.44
N PHE A 365 -11.49 11.72 4.40
CA PHE A 365 -10.09 11.29 4.54
C PHE A 365 -9.21 12.13 3.61
N VAL A 366 -8.35 12.98 4.18
CA VAL A 366 -7.29 13.66 3.43
C VAL A 366 -6.09 12.70 3.44
N SER A 367 -5.75 12.15 2.26
CA SER A 367 -4.80 11.04 2.16
C SER A 367 -3.76 11.28 1.07
N HIS A 368 -2.53 10.80 1.31
CA HIS A 368 -1.51 10.86 0.26
C HIS A 368 -1.76 9.84 -0.85
N CYS A 369 -2.74 8.96 -0.67
CA CYS A 369 -3.12 7.92 -1.63
C CYS A 369 -2.04 6.85 -1.81
N GLY A 370 -1.27 6.56 -0.76
CA GLY A 370 -0.62 5.26 -0.68
C GLY A 370 -1.65 4.15 -0.81
N TRP A 371 -1.24 3.03 -1.42
CA TRP A 371 -2.24 2.08 -1.89
C TRP A 371 -2.97 1.39 -0.73
N ASN A 372 -2.27 1.02 0.34
CA ASN A 372 -2.97 0.37 1.45
C ASN A 372 -4.01 1.31 2.06
N SER A 373 -3.70 2.60 2.15
CA SER A 373 -4.67 3.57 2.68
C SER A 373 -5.88 3.72 1.76
N VAL A 374 -5.66 3.66 0.45
CA VAL A 374 -6.80 3.74 -0.48
C VAL A 374 -7.74 2.55 -0.28
N VAL A 375 -7.17 1.33 -0.19
CA VAL A 375 -8.01 0.15 -0.10
C VAL A 375 -8.69 0.06 1.27
N GLU A 376 -8.05 0.57 2.32
CA GLU A 376 -8.70 0.67 3.63
C GLU A 376 -9.90 1.63 3.58
N ALA A 377 -9.72 2.79 2.93
CA ALA A 377 -10.84 3.74 2.81
C ALA A 377 -11.97 3.14 1.98
N ALA A 378 -11.63 2.35 0.96
CA ALA A 378 -12.66 1.68 0.17
C ALA A 378 -13.44 0.68 1.03
N TRP A 379 -12.72 -0.13 1.82
CA TRP A 379 -13.37 -1.10 2.70
C TRP A 379 -14.36 -0.43 3.66
N PHE A 380 -14.05 0.77 4.14
CA PHE A 380 -14.91 1.46 5.09
C PHE A 380 -15.81 2.52 4.46
N GLY A 381 -15.77 2.67 3.14
CA GLY A 381 -16.65 3.62 2.45
C GLY A 381 -16.45 5.07 2.82
N VAL A 382 -15.20 5.51 2.98
CA VAL A 382 -14.87 6.88 3.36
C VAL A 382 -14.33 7.61 2.13
N LYS A 383 -15.00 8.71 1.74
CA LYS A 383 -14.56 9.49 0.58
C LYS A 383 -13.22 10.17 0.84
N ILE A 384 -12.48 10.43 -0.24
CA ILE A 384 -11.08 10.83 -0.15
C ILE A 384 -10.88 12.21 -0.80
N LEU A 385 -10.23 13.12 -0.06
CA LEU A 385 -9.54 14.26 -0.66
C LEU A 385 -8.08 13.84 -0.88
N GLY A 386 -7.71 13.59 -2.14
CA GLY A 386 -6.38 13.10 -2.44
C GLY A 386 -5.35 14.21 -2.49
N TRP A 387 -4.24 14.01 -1.78
CA TRP A 387 -3.09 14.92 -1.83
C TRP A 387 -1.86 14.07 -2.11
N PRO A 388 -1.68 13.62 -3.36
CA PRO A 388 -0.54 12.76 -3.68
C PRO A 388 0.77 13.52 -3.56
N LEU A 389 1.77 12.86 -2.99
CA LEU A 389 3.01 13.55 -2.65
C LEU A 389 4.23 13.07 -3.42
N HIS A 390 4.33 11.76 -3.69
CA HIS A 390 5.52 11.19 -4.31
C HIS A 390 5.14 9.95 -5.11
N GLY A 391 6.09 9.46 -5.91
CA GLY A 391 6.00 8.10 -6.43
C GLY A 391 4.79 7.84 -7.31
N ASP A 392 4.06 6.75 -7.00
CA ASP A 392 2.89 6.35 -7.77
C ASP A 392 1.59 6.92 -7.21
N GLN A 393 1.67 7.90 -6.31
CA GLN A 393 0.48 8.39 -5.61
C GLN A 393 -0.45 9.20 -6.52
N LYS A 394 0.08 9.86 -7.54
CA LYS A 394 -0.79 10.60 -8.47
C LYS A 394 -1.58 9.64 -9.36
N ILE A 395 -0.98 8.51 -9.75
CA ILE A 395 -1.74 7.49 -10.47
C ILE A 395 -2.84 6.92 -9.58
N ASN A 396 -2.53 6.64 -8.32
CA ASN A 396 -3.53 6.07 -7.41
C ASN A 396 -4.65 7.07 -7.13
N ALA A 397 -4.32 8.36 -7.00
CA ALA A 397 -5.35 9.37 -6.80
C ALA A 397 -6.32 9.40 -7.98
N GLU A 398 -5.84 9.17 -9.20
CA GLU A 398 -6.73 9.18 -10.35
C GLU A 398 -7.52 7.88 -10.47
N VAL A 399 -6.98 6.76 -9.99
CA VAL A 399 -7.79 5.54 -9.90
C VAL A 399 -9.02 5.79 -9.05
N VAL A 400 -8.85 6.53 -7.94
CA VAL A 400 -9.98 6.86 -7.06
C VAL A 400 -10.93 7.83 -7.76
N ALA A 401 -10.39 8.89 -8.36
CA ALA A 401 -11.25 9.91 -8.98
C ALA A 401 -12.08 9.33 -10.12
N LYS A 402 -11.52 8.38 -10.87
CA LYS A 402 -12.25 7.73 -11.96
C LYS A 402 -13.50 7.02 -11.44
N GLY A 403 -13.46 6.51 -10.21
CA GLY A 403 -14.61 5.89 -9.58
C GLY A 403 -15.57 6.85 -8.92
N GLY A 404 -15.25 8.14 -8.90
CA GLY A 404 -16.17 9.14 -8.40
C GLY A 404 -16.37 9.18 -6.90
N TRP A 405 -15.47 8.57 -6.12
CA TRP A 405 -15.58 8.59 -4.66
C TRP A 405 -14.46 9.39 -3.99
N GLY A 406 -13.69 10.13 -4.78
CA GLY A 406 -12.73 11.09 -4.25
C GLY A 406 -12.30 12.05 -5.35
N VAL A 407 -11.60 13.11 -4.95
CA VAL A 407 -11.08 14.10 -5.89
C VAL A 407 -9.67 14.50 -5.48
N TRP A 408 -8.87 14.95 -6.45
CA TRP A 408 -7.55 15.52 -6.15
C TRP A 408 -7.29 16.70 -7.08
N LYS A 409 -6.41 17.60 -6.63
CA LYS A 409 -6.08 18.82 -7.36
C LYS A 409 -4.74 18.62 -8.07
N GLU A 410 -4.77 18.47 -9.40
CA GLU A 410 -3.54 18.16 -10.12
C GLU A 410 -2.55 19.31 -10.12
N GLY A 411 -2.99 20.53 -9.80
CA GLY A 411 -2.08 21.66 -9.74
C GLY A 411 -1.28 21.79 -8.46
N TRP A 412 -1.55 20.97 -7.43
CA TRP A 412 -0.80 21.09 -6.19
C TRP A 412 0.63 20.57 -6.34
N ASP A 413 0.82 19.48 -7.12
CA ASP A 413 2.11 18.95 -7.59
C ASP A 413 2.86 18.18 -6.49
N TRP A 414 3.99 17.57 -6.85
CA TRP A 414 4.76 16.75 -5.91
C TRP A 414 5.18 17.59 -4.70
N GLU A 415 5.33 16.93 -3.55
CA GLU A 415 5.64 17.65 -2.32
C GLU A 415 6.93 18.44 -2.46
N GLY A 416 6.86 19.75 -2.18
CA GLY A 416 8.03 20.61 -2.21
C GLY A 416 8.22 21.39 -3.50
N GLU A 417 7.44 21.11 -4.56
CA GLU A 417 7.58 21.89 -5.79
C GLU A 417 6.98 23.29 -5.65
N ARG A 418 5.90 23.42 -4.89
CA ARG A 418 5.36 24.74 -4.56
C ARG A 418 4.78 24.68 -3.15
N LEU A 419 4.43 25.85 -2.63
CA LEU A 419 3.83 25.96 -1.29
C LEU A 419 2.31 26.05 -1.44
N VAL A 420 1.62 24.95 -1.14
CA VAL A 420 0.16 24.96 -1.13
C VAL A 420 -0.33 25.71 0.10
N LYS A 421 -1.19 26.70 -0.11
CA LYS A 421 -1.58 27.64 0.94
C LYS A 421 -2.78 27.15 1.74
N GLY A 422 -2.82 27.53 3.02
CA GLY A 422 -3.95 27.18 3.88
C GLY A 422 -5.30 27.57 3.30
N GLU A 423 -5.37 28.72 2.62
CA GLU A 423 -6.64 29.15 2.02
C GLU A 423 -7.18 28.11 1.05
N GLU A 424 -6.34 27.64 0.12
CA GLU A 424 -6.83 26.67 -0.86
C GLU A 424 -6.99 25.27 -0.28
N ILE A 425 -6.26 24.94 0.79
CA ILE A 425 -6.48 23.66 1.46
C ILE A 425 -7.84 23.64 2.15
N GLY A 426 -8.18 24.73 2.85
CA GLY A 426 -9.47 24.79 3.52
C GLY A 426 -10.64 24.76 2.55
N GLU A 427 -10.48 25.42 1.39
CA GLU A 427 -11.53 25.38 0.38
C GLU A 427 -11.70 23.98 -0.18
N ALA A 428 -10.60 23.25 -0.38
CA ALA A 428 -10.71 21.89 -0.91
C ALA A 428 -11.37 20.95 0.10
N ILE A 429 -11.11 21.14 1.39
CA ILE A 429 -11.75 20.30 2.41
C ILE A 429 -13.26 20.56 2.43
N ARG A 430 -13.69 21.82 2.36
CA ARG A 430 -15.11 22.11 2.35
C ARG A 430 -15.78 21.55 1.10
N GLU A 431 -15.09 21.62 -0.05
CA GLU A 431 -15.64 21.10 -1.30
C GLU A 431 -15.92 19.59 -1.20
N VAL A 432 -15.00 18.83 -0.61
CA VAL A 432 -15.19 17.39 -0.52
C VAL A 432 -16.23 17.03 0.55
N MET A 433 -16.21 17.73 1.68
CA MET A 433 -17.13 17.36 2.76
C MET A 433 -18.56 17.78 2.48
N ASN A 434 -18.79 18.75 1.60
CA ASN A 434 -20.15 19.12 1.23
C ASN A 434 -20.73 18.26 0.10
N ASP A 435 -19.93 17.39 -0.51
CA ASP A 435 -20.32 16.67 -1.72
C ASP A 435 -20.93 15.33 -1.34
N GLU A 436 -22.26 15.21 -1.47
CA GLU A 436 -22.91 13.96 -1.12
C GLU A 436 -22.84 12.91 -2.22
N SER A 437 -22.55 13.32 -3.46
CA SER A 437 -22.33 12.34 -4.51
C SER A 437 -21.10 11.49 -4.22
N LEU A 438 -20.05 12.10 -3.64
CA LEU A 438 -18.86 11.31 -3.28
C LEU A 438 -19.22 10.23 -2.26
N VAL A 439 -20.11 10.54 -1.32
CA VAL A 439 -20.51 9.54 -0.33
C VAL A 439 -21.30 8.42 -1.00
N MET A 440 -22.16 8.77 -1.97
CA MET A 440 -22.94 7.76 -2.67
C MET A 440 -22.05 6.76 -3.39
N LYS A 441 -21.04 7.25 -4.10
CA LYS A 441 -20.14 6.33 -4.80
C LYS A 441 -19.24 5.56 -3.84
N ALA A 442 -18.84 6.19 -2.72
CA ALA A 442 -18.01 5.48 -1.74
C ALA A 442 -18.78 4.35 -1.06
N THR A 443 -20.08 4.52 -0.85
CA THR A 443 -20.88 3.45 -0.25
C THR A 443 -21.02 2.26 -1.23
N GLN A 444 -21.14 2.54 -2.53
CA GLN A 444 -21.22 1.45 -3.50
C GLN A 444 -19.89 0.71 -3.60
N VAL A 445 -18.77 1.42 -3.50
CA VAL A 445 -17.46 0.78 -3.42
C VAL A 445 -17.40 -0.13 -2.20
N LYS A 446 -17.87 0.36 -1.05
CA LYS A 446 -17.92 -0.45 0.17
C LYS A 446 -18.74 -1.71 -0.05
N LYS A 447 -19.85 -1.59 -0.78
CA LYS A 447 -20.69 -2.75 -1.08
C LYS A 447 -19.97 -3.75 -1.97
N ASP A 448 -19.27 -3.25 -3.00
CA ASP A 448 -18.52 -4.14 -3.89
C ASP A 448 -17.31 -4.75 -3.19
N ALA A 449 -16.78 -4.09 -2.16
CA ALA A 449 -15.66 -4.64 -1.40
C ALA A 449 -16.07 -5.92 -0.68
N ARG A 450 -17.28 -5.96 -0.13
CA ARG A 450 -17.78 -7.17 0.52
C ARG A 450 -18.15 -8.26 -0.47
N LYS A 451 -18.68 -7.88 -1.64
CA LYS A 451 -18.92 -8.89 -2.68
C LYS A 451 -17.65 -9.61 -3.07
N ALA A 452 -16.53 -8.89 -3.14
CA ALA A 452 -15.29 -9.49 -3.65
C ALA A 452 -14.80 -10.62 -2.75
N ILE A 453 -15.05 -10.53 -1.44
CA ILE A 453 -14.57 -11.56 -0.52
C ILE A 453 -15.59 -12.67 -0.28
N SER A 454 -16.83 -12.48 -0.72
CA SER A 454 -17.86 -13.51 -0.54
C SER A 454 -17.72 -14.59 -1.60
N VAL A 455 -18.48 -15.68 -1.42
CA VAL A 455 -18.38 -16.81 -2.33
C VAL A 455 -18.80 -16.38 -3.72
N GLY A 456 -17.97 -16.70 -4.72
CA GLY A 456 -18.15 -16.21 -6.06
C GLY A 456 -17.43 -14.92 -6.37
N GLY A 457 -17.04 -14.16 -5.35
CA GLY A 457 -16.29 -12.95 -5.57
C GLY A 457 -14.87 -13.22 -6.03
N GLY A 458 -14.23 -12.16 -6.55
CA GLY A 458 -12.94 -12.32 -7.18
C GLY A 458 -11.87 -12.88 -6.27
N CYS A 459 -11.86 -12.45 -5.01
CA CYS A 459 -10.85 -12.94 -4.08
C CYS A 459 -11.08 -14.40 -3.72
N GLU A 460 -12.34 -14.77 -3.44
CA GLU A 460 -12.65 -16.16 -3.11
C GLU A 460 -12.33 -17.09 -4.27
N VAL A 461 -12.64 -16.66 -5.49
CA VAL A 461 -12.36 -17.49 -6.67
C VAL A 461 -10.86 -17.65 -6.87
N ALA A 462 -10.09 -16.58 -6.67
CA ALA A 462 -8.66 -16.64 -6.91
C ALA A 462 -7.95 -17.53 -5.89
N LEU A 463 -8.32 -17.41 -4.61
CA LEU A 463 -7.64 -18.21 -3.59
C LEU A 463 -7.93 -19.70 -3.76
N GLN A 464 -9.14 -20.04 -4.21
CA GLN A 464 -9.47 -21.44 -4.47
C GLN A 464 -8.67 -22.00 -5.63
N LYS A 465 -8.48 -21.21 -6.70
CA LYS A 465 -7.60 -21.62 -7.79
C LYS A 465 -6.20 -21.92 -7.27
N LEU A 466 -5.64 -20.99 -6.49
CA LEU A 466 -4.26 -21.16 -6.02
C LEU A 466 -4.12 -22.37 -5.11
N MET A 467 -5.06 -22.54 -4.17
CA MET A 467 -4.98 -23.67 -3.24
C MET A 467 -5.02 -25.00 -3.96
N GLU A 468 -5.83 -25.12 -5.01
CA GLU A 468 -5.93 -26.38 -5.73
C GLU A 468 -4.63 -26.69 -6.47
N VAL A 469 -3.98 -25.68 -7.03
CA VAL A 469 -2.68 -25.89 -7.66
C VAL A 469 -1.65 -26.34 -6.65
N TRP A 470 -1.63 -25.69 -5.48
CA TRP A 470 -0.61 -25.99 -4.47
C TRP A 470 -0.79 -27.36 -3.86
N LYS A 471 -2.01 -27.92 -3.88
CA LYS A 471 -2.23 -29.26 -3.36
C LYS A 471 -1.63 -30.31 -4.28
N1 UDP B . -0.85 3.53 9.21
C2 UDP B . -1.37 3.35 10.48
N3 UDP B . -1.08 4.37 11.38
C4 UDP B . -0.32 5.50 11.11
C5 UDP B . 0.18 5.60 9.77
C6 UDP B . -0.07 4.63 8.89
O2 UDP B . -2.04 2.39 10.81
O4 UDP B . -0.13 6.34 12.02
C1' UDP B . -1.04 2.45 8.22
C2' UDP B . -2.13 2.64 7.17
O2' UDP B . -3.38 2.19 7.66
C3' UDP B . -1.61 1.71 6.06
C4' UDP B . -0.09 1.92 6.13
O4' UDP B . 0.18 2.33 7.50
O3' UDP B . -1.90 0.34 6.34
C5' UDP B . 0.47 2.92 5.16
O5' UDP B . 0.69 2.29 3.89
PA UDP B . 0.34 3.02 2.52
O1A UDP B . -0.97 3.68 2.69
O2A UDP B . 0.47 2.05 1.35
O3A UDP B . 1.50 4.15 2.33
PB UDP B . 3.04 4.27 2.72
O1B UDP B . 3.03 4.49 4.21
O2B UDP B . 3.47 5.54 2.01
O3B UDP B . 3.84 3.05 2.29
C01 E7F C . 7.51 5.17 -5.47
C02 E7F C . 6.62 4.29 -4.87
C03 E7F C . 6.07 3.26 -5.63
C04 E7F C . 6.35 3.16 -7.00
C05 E7F C . 7.25 4.06 -7.58
C06 E7F C . 7.82 5.07 -6.82
C07 E7F C . 5.81 2.04 -7.91
C08 E7F C . 5.28 0.74 -7.32
C09 E7F C . 5.57 -0.46 -8.24
C10 E7F C . 6.99 -1.02 -8.10
C11 E7F C . 7.34 -2.14 -8.83
C12 E7F C . 8.61 -2.68 -8.74
C13 E7F C . 9.56 -2.09 -7.92
C14 E7F C . 9.22 -0.97 -7.18
C15 E7F C . 7.94 -0.43 -7.27
C16 E7F C . 8.13 2.45 -0.83
C17 E7F C . 5.87 3.55 -0.67
C18 E7F C . 5.01 4.67 -1.30
C19 E7F C . 4.94 4.48 -2.82
C20 E7F C . 6.37 4.44 -3.36
C21 E7F C . 7.24 3.57 -1.35
O01 E7F C . 7.56 3.97 -8.94
O02 E7F C . 8.09 6.18 -4.70
O03 E7F C . 5.19 2.38 -4.98
O04 E7F C . 5.87 2.16 -9.09
O05 E7F C . 10.85 -2.65 -7.83
O06 E7F C . 7.04 3.37 -2.74
O07 E7F C . 3.72 4.70 -0.74
O08 E7F C . 4.21 5.53 -3.39
O09 E7F C . 6.02 3.74 0.72
O10 E7F C . 8.81 2.87 0.33
N1 UDP D . 9.52 9.84 -0.49
C2 UDP D . 8.66 10.01 0.57
N3 UDP D . 7.50 9.27 0.50
C4 UDP D . 7.11 8.41 -0.51
C5 UDP D . 8.07 8.29 -1.57
C6 UDP D . 9.20 8.99 -1.53
O2 UDP D . 8.89 10.76 1.51
O4 UDP D . 6.02 7.83 -0.43
C1' UDP D . 10.79 10.63 -0.44
C2' UDP D . 12.04 9.79 -0.70
O2' UDP D . 13.06 10.25 0.17
C3' UDP D . 12.36 10.13 -2.15
C4' UDP D . 11.88 11.58 -2.29
O4' UDP D . 10.73 11.65 -1.42
O3' UDP D . 13.72 9.98 -2.48
C5' UDP D . 11.49 12.00 -3.67
O5' UDP D . 10.48 11.15 -4.20
PA UDP D . 9.80 11.46 -5.61
O1A UDP D . 8.99 12.69 -5.43
O2A UDP D . 10.88 11.76 -6.59
O3A UDP D . 8.89 10.33 -5.90
#